data_6ZV7
#
_entry.id   6ZV7
#
_cell.length_a   69.660
_cell.length_b   71.400
_cell.length_c   71.470
_cell.angle_alpha   90.000
_cell.angle_beta   99.610
_cell.angle_gamma   90.000
#
_symmetry.space_group_name_H-M   'C 1 2 1'
#
loop_
_entity.id
_entity.type
_entity.pdbx_description
1 polymer Prothrombin
2 polymer Prothrombin
3 polymer Hirudin-2
4 non-polymer 2-acetamido-2-deoxy-beta-D-glucopyranose
5 non-polymer [2-[[(1~{R})-1-(3-chlorophenyl)ethyl]amino]-7-methoxy-1,3-benzoxazol-5-yl]-[(2~{R},5~{R})-5-(2-hydroxyethyl)-2-methyl-morpholin-4-yl]methanone
6 water water
#
loop_
_entity_poly.entity_id
_entity_poly.type
_entity_poly.pdbx_seq_one_letter_code
_entity_poly.pdbx_strand_id
1 'polypeptide(L)' TFGSGEADCGLRPLFEKKSLEDKTERELLESYIDGR L
2 'polypeptide(L)'
;IVEGSDAEIGMSPWQVMLFRKSPQELLCGASLISDRWVLTAAHCLLYPPWDKNFTENDLLVRIGKHSRTRYERNIEKISM
LEKIYIHPRYNWRENLDRDIALMKLKKPVAFSDYIHPVCLPDRETAASLLQAGYKGRVTGWGNLKETWTANVGKGQPSVL
QVVNLPIVERPVCKDSTRIRITDNMFCAGYKPDEGKRGDACEGDSGGPFVMKSPFNNRWYQMGIVSWGEGCDRDGKYGFY
THVFRLKKWIQKVIDQFGE
;
H
3 'polypeptide(L)' GDFEEIPEE(TYS)L I
#
# COMPACT_ATOMS: atom_id res chain seq x y z
N ALA A 7 15.55 13.07 -0.26
CA ALA A 7 16.83 12.74 0.47
C ALA A 7 16.55 11.91 1.71
N ASP A 8 15.44 12.21 2.38
CA ASP A 8 15.14 11.58 3.63
C ASP A 8 14.02 10.51 3.53
N CYS A 9 13.72 10.10 2.32
CA CYS A 9 12.66 9.09 2.12
C CYS A 9 12.98 7.78 2.88
N GLY A 10 11.94 7.16 3.42
CA GLY A 10 12.01 5.80 3.93
C GLY A 10 12.73 5.68 5.25
N LEU A 11 12.98 6.81 5.92
CA LEU A 11 13.57 6.82 7.25
C LEU A 11 12.49 7.37 8.19
N ARG A 12 12.05 6.52 9.12
CA ARG A 12 10.88 6.82 9.98
C ARG A 12 11.31 7.62 11.17
N PRO A 13 10.65 8.75 11.43
CA PRO A 13 11.01 9.55 12.59
C PRO A 13 11.05 8.76 13.91
N LEU A 14 10.12 7.82 14.12
CA LEU A 14 10.05 7.12 15.43
C LEU A 14 10.86 5.84 15.50
N PHE A 15 11.53 5.48 14.39
CA PHE A 15 12.36 4.29 14.27
C PHE A 15 13.76 4.62 13.79
N GLU A 16 13.99 4.64 12.48
CA GLU A 16 15.34 4.78 11.96
C GLU A 16 16.02 6.05 12.48
N LYS A 17 15.25 7.14 12.54
CA LYS A 17 15.79 8.44 12.90
C LYS A 17 16.27 8.46 14.36
N LYS A 18 15.75 7.54 15.17
CA LYS A 18 16.08 7.41 16.59
C LYS A 18 16.83 6.14 16.87
N SER A 19 17.19 5.40 15.83
CA SER A 19 17.78 4.04 15.93
C SER A 19 17.04 3.12 16.91
N LEU A 20 15.71 3.09 16.77
CA LEU A 20 14.87 2.12 17.38
C LEU A 20 14.30 1.19 16.30
N GLU A 21 14.15 -0.08 16.61
CA GLU A 21 13.63 -1.12 15.66
C GLU A 21 12.19 -1.41 15.99
N ASP A 22 11.33 -1.60 15.00
CA ASP A 22 9.98 -2.07 15.29
C ASP A 22 10.06 -3.54 15.64
N LYS A 23 8.97 -4.09 16.12
CA LYS A 23 8.96 -5.44 16.61
C LYS A 23 9.16 -6.59 15.55
N THR A 24 8.93 -6.36 14.26
CA THR A 24 9.05 -7.44 13.30
C THR A 24 9.99 -7.12 12.14
N GLU A 25 10.67 -5.97 12.12
CA GLU A 25 11.57 -5.68 11.00
C GLU A 25 12.74 -6.66 10.87
N ARG A 26 13.22 -7.19 12.00
CA ARG A 26 14.26 -8.23 11.97
C ARG A 26 13.83 -9.49 11.20
N GLU A 27 12.53 -9.87 11.24
CA GLU A 27 11.99 -10.95 10.42
C GLU A 27 12.22 -10.68 8.91
N LEU A 28 12.05 -9.44 8.51
CA LEU A 28 12.38 -9.06 7.16
C LEU A 28 13.88 -9.20 6.86
N LEU A 29 14.71 -8.63 7.71
CA LEU A 29 16.17 -8.72 7.54
C LEU A 29 16.67 -10.17 7.40
N GLU A 30 16.12 -11.03 8.28
CA GLU A 30 16.55 -12.42 8.35
C GLU A 30 16.20 -13.13 7.06
N SER A 31 15.15 -12.70 6.37
CA SER A 31 14.83 -13.29 5.05
C SER A 31 15.74 -12.82 3.91
N TYR A 32 16.51 -11.76 4.08
CA TYR A 32 17.35 -11.19 3.02
C TYR A 32 18.75 -11.79 3.03
N ILE A 33 18.98 -12.74 2.19
CA ILE A 33 20.23 -13.53 2.27
C ILE A 33 21.50 -12.98 1.49
N ILE B 1 -6.54 -6.57 6.44
CA ILE B 1 -5.41 -7.50 6.61
C ILE B 1 -5.91 -8.61 7.46
N VAL B 2 -5.68 -9.83 6.97
CA VAL B 2 -6.01 -11.06 7.63
C VAL B 2 -4.81 -11.63 8.31
N GLU B 3 -5.00 -11.98 9.58
CA GLU B 3 -3.96 -12.57 10.42
C GLU B 3 -2.73 -11.69 10.51
N GLY B 4 -2.94 -10.38 10.58
CA GLY B 4 -1.87 -9.46 10.86
C GLY B 4 -1.88 -9.11 12.33
N SER B 5 -1.21 -8.03 12.71
CA SER B 5 -1.30 -7.53 14.05
C SER B 5 -1.41 -5.99 14.02
N ASP B 6 -1.69 -5.39 15.16
CA ASP B 6 -1.81 -3.95 15.24
C ASP B 6 -0.48 -3.30 14.91
N ALA B 7 -0.49 -2.27 14.08
CA ALA B 7 0.73 -1.50 13.83
C ALA B 7 1.21 -0.75 15.06
N GLU B 8 2.52 -0.59 15.19
CA GLU B 8 3.03 0.33 16.17
C GLU B 8 2.81 1.80 15.76
N ILE B 9 2.83 2.70 16.72
CA ILE B 9 2.70 4.11 16.36
C ILE B 9 3.89 4.54 15.48
N GLY B 10 3.62 5.21 14.37
CA GLY B 10 4.69 5.68 13.47
C GLY B 10 5.41 4.60 12.66
N MET B 11 4.87 3.37 12.68
CA MET B 11 5.52 2.26 12.04
C MET B 11 5.45 2.38 10.50
N SER B 12 4.36 2.95 9.99
CA SER B 12 4.16 3.10 8.60
C SER B 12 3.72 4.54 8.27
N PRO B 13 4.66 5.51 8.34
CA PRO B 13 4.23 6.94 8.28
C PRO B 13 3.96 7.47 6.90
N TRP B 14 4.17 6.62 5.91
CA TRP B 14 3.76 6.80 4.53
C TRP B 14 2.34 6.27 4.21
N GLN B 15 1.70 5.61 5.15
CA GLN B 15 0.42 5.03 4.90
C GLN B 15 -0.57 6.12 4.70
N VAL B 16 -1.43 5.95 3.70
CA VAL B 16 -2.49 6.90 3.40
C VAL B 16 -3.83 6.15 3.35
N MET B 17 -4.88 6.77 3.90
CA MET B 17 -6.24 6.31 3.74
C MET B 17 -6.93 7.14 2.71
N LEU B 18 -7.51 6.48 1.71
CA LEU B 18 -8.40 7.13 0.77
C LEU B 18 -9.78 7.02 1.39
N PHE B 19 -10.42 8.15 1.60
CA PHE B 19 -11.63 8.22 2.36
C PHE B 19 -12.71 8.79 1.45
N ARG B 20 -13.82 8.06 1.34
CA ARG B 20 -14.91 8.52 0.50
C ARG B 20 -15.75 9.49 1.31
N LYS B 21 -16.18 10.56 0.65
CA LYS B 21 -17.11 11.49 1.26
C LYS B 21 -18.59 11.06 1.63
N SER B 22 -19.48 10.37 0.80
CA SER B 22 -20.85 10.92 1.01
C SER B 22 -20.52 9.75 0.14
N PRO B 23 -20.84 8.58 0.77
CA PRO B 23 -21.03 8.24 2.18
C PRO B 23 -19.62 8.02 2.74
N GLN B 24 -19.44 8.40 4.01
CA GLN B 24 -18.17 8.40 4.70
C GLN B 24 -17.71 6.93 4.88
N GLU B 25 -16.69 6.47 4.12
CA GLU B 25 -16.20 5.11 4.25
C GLU B 25 -14.75 4.99 3.73
N LEU B 26 -14.09 3.89 4.10
CA LEU B 26 -12.78 3.60 3.62
C LEU B 26 -12.93 3.26 2.15
N LEU B 27 -12.23 3.95 1.30
CA LEU B 27 -12.17 3.58 -0.10
C LEU B 27 -11.05 2.65 -0.41
N CYS B 28 -9.87 2.87 0.18
CA CYS B 28 -8.71 2.10 -0.19
C CYS B 28 -7.56 2.61 0.62
N GLY B 29 -6.44 1.89 0.53
CA GLY B 29 -5.15 2.39 0.95
C GLY B 29 -4.41 3.11 -0.19
N ALA B 30 -3.31 3.71 0.23
CA ALA B 30 -2.44 4.46 -0.64
C ALA B 30 -1.14 4.72 0.12
N SER B 31 -0.18 5.42 -0.50
CA SER B 31 1.09 5.73 0.13
C SER B 31 1.59 7.13 -0.29
N LEU B 32 2.28 7.80 0.64
CA LEU B 32 2.86 9.12 0.42
C LEU B 32 4.27 8.95 -0.14
N ILE B 33 4.49 9.46 -1.34
CA ILE B 33 5.80 9.39 -1.99
C ILE B 33 6.59 10.70 -2.05
N SER B 34 5.91 11.81 -1.75
CA SER B 34 6.48 13.12 -1.62
C SER B 34 5.50 13.99 -0.86
N ASP B 35 5.82 15.28 -0.74
CA ASP B 35 4.87 16.12 0.00
C ASP B 35 3.60 16.46 -0.78
N ARG B 36 3.56 16.17 -2.07
CA ARG B 36 2.35 16.42 -2.87
C ARG B 36 1.82 15.26 -3.68
N TRP B 37 2.47 14.10 -3.62
CA TRP B 37 2.10 12.95 -4.47
C TRP B 37 1.80 11.73 -3.63
N VAL B 38 0.67 11.13 -3.94
CA VAL B 38 0.17 9.90 -3.34
C VAL B 38 0.01 8.81 -4.41
N LEU B 39 0.49 7.61 -4.10
CA LEU B 39 0.44 6.44 -4.98
C LEU B 39 -0.67 5.47 -4.50
N THR B 40 -1.44 4.91 -5.44
CA THR B 40 -2.47 3.95 -5.10
C THR B 40 -2.67 2.97 -6.28
N ALA B 41 -3.67 2.10 -6.17
CA ALA B 41 -3.98 1.16 -7.19
C ALA B 41 -5.05 1.84 -8.05
N ALA B 42 -4.94 1.74 -9.36
CA ALA B 42 -5.97 2.28 -10.27
C ALA B 42 -7.38 1.79 -9.97
N HIS B 43 -7.53 0.52 -9.60
CA HIS B 43 -8.88 0.00 -9.41
C HIS B 43 -9.60 0.52 -8.20
N CYS B 44 -8.87 1.17 -7.30
CA CYS B 44 -9.45 1.95 -6.23
C CYS B 44 -10.26 3.12 -6.75
N LEU B 45 -9.86 3.67 -7.92
CA LEU B 45 -10.46 4.89 -8.47
C LEU B 45 -11.38 4.57 -9.67
N LEU B 46 -10.94 3.64 -10.54
CA LEU B 46 -11.67 3.28 -11.75
C LEU B 46 -11.75 1.79 -11.88
N TYR B 47 -12.96 1.26 -11.86
CA TYR B 47 -13.17 -0.14 -12.12
C TYR B 47 -14.61 -0.31 -12.58
N PRO B 48 -14.85 -0.22 -13.88
CA PRO B 48 -16.18 -0.34 -14.46
C PRO B 48 -16.98 -1.55 -14.05
N PRO B 49 -16.36 -2.73 -13.96
CA PRO B 49 -17.21 -3.88 -13.58
C PRO B 49 -17.93 -3.73 -12.22
N TRP B 50 -17.34 -2.98 -11.29
CA TRP B 50 -18.01 -2.68 -10.02
C TRP B 50 -18.58 -1.27 -10.00
N ASP B 51 -18.73 -0.62 -11.16
CA ASP B 51 -19.22 0.77 -11.23
C ASP B 51 -18.43 1.75 -10.35
N LYS B 52 -17.12 1.61 -10.30
CA LYS B 52 -16.28 2.52 -9.54
C LYS B 52 -15.74 3.52 -10.55
N ASN B 53 -15.96 4.80 -10.32
CA ASN B 53 -15.35 5.79 -11.18
C ASN B 53 -15.33 7.09 -10.39
N PHE B 54 -14.35 7.21 -9.48
CA PHE B 54 -14.27 8.36 -8.61
C PHE B 54 -13.53 9.51 -9.28
N THR B 55 -14.04 10.72 -9.03
CA THR B 55 -13.41 11.95 -9.47
C THR B 55 -12.68 12.59 -8.24
N GLU B 56 -11.83 13.58 -8.50
CA GLU B 56 -11.04 14.30 -7.45
C GLU B 56 -11.92 14.73 -6.28
N ASN B 57 -13.06 15.32 -6.58
CA ASN B 57 -13.93 15.87 -5.51
C ASN B 57 -14.65 14.81 -4.69
N ASP B 58 -14.62 13.53 -5.11
CA ASP B 58 -15.31 12.45 -4.36
C ASP B 58 -14.63 11.94 -3.08
N LEU B 59 -13.37 12.28 -2.91
CA LEU B 59 -12.65 11.68 -1.82
C LEU B 59 -11.61 12.62 -1.22
N LEU B 60 -11.10 12.18 -0.08
CA LEU B 60 -10.09 12.88 0.66
C LEU B 60 -8.91 11.89 0.89
N VAL B 61 -7.74 12.46 1.12
CA VAL B 61 -6.54 11.71 1.52
C VAL B 61 -6.31 12.02 3.03
N ARG B 62 -6.22 10.97 3.84
CA ARG B 62 -5.97 11.07 5.29
C ARG B 62 -4.63 10.43 5.63
N ILE B 63 -3.73 11.26 6.10
CA ILE B 63 -2.32 10.87 6.28
C ILE B 63 -1.97 10.95 7.73
N GLY B 64 -1.12 10.05 8.16
CA GLY B 64 -0.66 10.03 9.53
C GLY B 64 -1.57 9.29 10.49
N LYS B 65 -2.45 8.42 9.96
CA LYS B 65 -3.48 7.81 10.78
C LYS B 65 -3.00 6.52 11.41
N HIS B 66 -3.74 6.15 12.46
CA HIS B 66 -3.57 4.93 13.19
C HIS B 66 -4.94 4.27 13.42
N SER B 67 -5.83 4.95 14.15
CA SER B 67 -7.20 4.52 14.26
C SER B 67 -7.89 4.55 12.88
N ARG B 68 -8.67 3.53 12.59
CA ARG B 68 -9.48 3.49 11.35
C ARG B 68 -10.52 4.61 11.35
N THR B 69 -11.35 4.69 12.42
CA THR B 69 -12.56 5.49 12.34
C THR B 69 -12.53 6.85 13.01
N ARG B 70 -11.57 7.08 13.92
CA ARG B 70 -11.46 8.31 14.66
C ARG B 70 -10.83 9.41 13.86
N TYR B 71 -11.26 10.64 14.12
CA TYR B 71 -10.62 11.81 13.63
C TYR B 71 -9.47 12.09 14.59
N GLU B 72 -8.27 11.84 14.12
CA GLU B 72 -7.08 11.88 14.94
C GLU B 72 -6.46 13.27 14.95
N ARG B 73 -7.18 14.12 15.66
CA ARG B 73 -6.86 15.54 15.81
C ARG B 73 -5.40 15.73 16.25
N ASN B 74 -4.70 16.64 15.58
CA ASN B 74 -3.33 17.04 15.85
C ASN B 74 -2.32 15.99 15.41
N ILE B 75 -2.80 14.97 14.73
CA ILE B 75 -1.98 13.87 14.30
C ILE B 75 -2.14 13.68 12.80
N GLU B 76 -3.34 13.34 12.39
CA GLU B 76 -3.54 13.06 10.98
C GLU B 76 -3.71 14.40 10.29
N LYS B 77 -3.44 14.41 9.00
CA LYS B 77 -3.68 15.52 8.12
C LYS B 77 -4.54 15.10 6.99
N ILE B 78 -5.49 15.97 6.65
CA ILE B 78 -6.44 15.62 5.59
C ILE B 78 -6.21 16.51 4.38
N SER B 79 -6.02 15.92 3.20
CA SER B 79 -5.70 16.69 1.99
C SER B 79 -6.73 16.48 0.90
N MET B 80 -6.91 17.52 0.09
CA MET B 80 -7.80 17.46 -1.06
C MET B 80 -6.99 17.05 -2.27
N LEU B 81 -7.63 16.38 -3.23
CA LEU B 81 -6.99 16.00 -4.51
C LEU B 81 -7.11 17.12 -5.53
N GLU B 82 -5.98 17.52 -6.08
CA GLU B 82 -5.89 18.37 -7.24
C GLU B 82 -6.19 17.57 -8.51
N LYS B 83 -5.53 16.43 -8.69
CA LYS B 83 -5.69 15.68 -9.92
C LYS B 83 -5.35 14.21 -9.73
N ILE B 84 -6.10 13.33 -10.41
CA ILE B 84 -5.84 11.88 -10.46
C ILE B 84 -5.22 11.56 -11.83
N TYR B 85 -4.23 10.70 -11.84
CA TYR B 85 -3.63 10.20 -13.07
C TYR B 85 -3.63 8.70 -13.01
N ILE B 86 -4.36 8.09 -13.89
CA ILE B 86 -4.41 6.64 -13.97
C ILE B 86 -3.43 6.20 -15.10
N HIS B 87 -2.68 5.13 -14.91
CA HIS B 87 -1.87 4.61 -16.02
C HIS B 87 -2.75 4.41 -17.32
N PRO B 88 -2.34 4.97 -18.46
CA PRO B 88 -3.14 4.81 -19.69
C PRO B 88 -3.25 3.37 -20.20
N ARG B 89 -2.42 2.45 -19.72
CA ARG B 89 -2.54 1.04 -20.11
C ARG B 89 -2.91 0.15 -18.96
N TYR B 90 -3.53 0.74 -17.93
CA TYR B 90 -4.21 -0.02 -16.89
C TYR B 90 -5.21 -0.97 -17.53
N ASN B 91 -5.06 -2.27 -17.29
CA ASN B 91 -5.95 -3.28 -17.94
C ASN B 91 -7.00 -3.77 -16.89
N TRP B 92 -8.02 -2.96 -16.69
CA TRP B 92 -9.15 -3.32 -15.82
C TRP B 92 -9.99 -4.43 -16.45
N ARG B 93 -9.91 -4.59 -17.77
CA ARG B 93 -10.76 -5.61 -18.45
C ARG B 93 -10.39 -7.03 -18.14
N GLU B 94 -9.09 -7.32 -18.04
CA GLU B 94 -8.53 -8.68 -18.11
C GLU B 94 -7.89 -9.14 -16.78
N ASN B 95 -6.90 -8.40 -16.29
CA ASN B 95 -6.09 -8.94 -15.23
C ASN B 95 -5.59 -7.95 -14.23
N LEU B 96 -6.07 -6.71 -14.31
CA LEU B 96 -5.51 -5.61 -13.52
C LEU B 96 -4.03 -5.35 -13.75
N ASP B 97 -3.55 -5.62 -14.95
CA ASP B 97 -2.20 -5.23 -15.34
C ASP B 97 -2.07 -3.73 -15.21
N ARG B 98 -0.93 -3.30 -14.66
CA ARG B 98 -0.63 -1.91 -14.37
C ARG B 98 -1.66 -1.24 -13.49
N ASP B 99 -1.98 -1.90 -12.39
CA ASP B 99 -2.95 -1.41 -11.44
C ASP B 99 -2.23 -0.29 -10.62
N ILE B 100 -2.16 0.92 -11.19
CA ILE B 100 -1.39 2.01 -10.56
C ILE B 100 -2.05 3.34 -10.91
N ALA B 101 -2.10 4.23 -9.95
CA ALA B 101 -2.55 5.58 -10.16
C ALA B 101 -1.80 6.47 -9.26
N LEU B 102 -1.68 7.72 -9.71
CA LEU B 102 -1.10 8.80 -8.85
C LEU B 102 -2.16 9.83 -8.53
N MET B 103 -1.99 10.47 -7.39
CA MET B 103 -2.80 11.63 -7.07
C MET B 103 -1.90 12.77 -6.55
N LYS B 104 -2.07 13.95 -7.14
CA LYS B 104 -1.46 15.21 -6.68
C LYS B 104 -2.39 15.91 -5.71
N LEU B 105 -1.85 16.33 -4.58
CA LEU B 105 -2.63 16.94 -3.54
C LEU B 105 -2.71 18.44 -3.84
N LYS B 106 -3.78 19.11 -3.40
CA LYS B 106 -3.90 20.56 -3.59
C LYS B 106 -2.75 21.35 -3.00
N LYS B 107 -2.21 20.87 -1.86
CA LYS B 107 -1.24 21.65 -1.05
C LYS B 107 -0.27 20.66 -0.48
N PRO B 108 1.00 21.08 -0.28
CA PRO B 108 1.93 20.15 0.34
C PRO B 108 1.52 19.77 1.75
N VAL B 109 1.75 18.51 2.10
CA VAL B 109 1.53 18.04 3.46
C VAL B 109 2.82 18.25 4.27
N ALA B 110 2.67 18.79 5.49
CA ALA B 110 3.77 18.88 6.42
C ALA B 110 4.17 17.52 7.03
N PHE B 111 5.48 17.21 6.99
CA PHE B 111 6.01 15.94 7.56
C PHE B 111 6.02 16.04 9.07
N SER B 112 5.92 14.90 9.73
CA SER B 112 5.91 14.92 11.20
C SER B 112 6.36 13.53 11.64
N ASP B 113 6.33 13.27 12.94
CA ASP B 113 6.57 11.92 13.43
C ASP B 113 5.69 10.83 12.80
N TYR B 114 4.50 11.21 12.33
CA TYR B 114 3.51 10.27 11.90
C TYR B 114 3.35 10.26 10.39
N ILE B 115 3.99 11.22 9.73
CA ILE B 115 3.78 11.50 8.32
C ILE B 115 5.16 11.69 7.66
N HIS B 116 5.49 10.83 6.73
CA HIS B 116 6.84 10.76 6.12
C HIS B 116 6.79 9.90 4.85
N PRO B 117 7.43 10.34 3.76
CA PRO B 117 7.36 9.51 2.55
C PRO B 117 8.21 8.27 2.52
N VAL B 118 7.74 7.29 1.77
CA VAL B 118 8.47 6.08 1.48
C VAL B 118 9.35 6.32 0.25
N CYS B 119 10.46 5.58 0.11
CA CYS B 119 11.25 5.65 -1.09
C CYS B 119 10.68 4.77 -2.22
N LEU B 120 10.92 5.18 -3.45
CA LEU B 120 10.62 4.29 -4.61
C LEU B 120 11.89 3.61 -5.09
N PRO B 121 11.84 2.29 -5.43
CA PRO B 121 13.05 1.60 -5.84
C PRO B 121 13.61 2.06 -7.18
N ASP B 122 14.89 1.94 -7.36
CA ASP B 122 15.47 2.01 -8.67
C ASP B 122 15.78 0.56 -9.16
N ARG B 123 16.33 0.43 -10.37
CA ARG B 123 16.53 -0.89 -10.96
C ARG B 123 17.34 -1.82 -10.04
N GLU B 124 18.35 -1.24 -9.40
CA GLU B 124 19.27 -1.99 -8.57
C GLU B 124 18.58 -2.45 -7.29
N THR B 125 17.75 -1.58 -6.70
CA THR B 125 17.01 -1.96 -5.51
C THR B 125 16.03 -3.08 -5.84
N ALA B 126 15.38 -2.98 -7.00
CA ALA B 126 14.52 -4.08 -7.47
C ALA B 126 15.26 -5.40 -7.60
N ALA B 127 16.39 -5.38 -8.29
CA ALA B 127 17.19 -6.60 -8.46
C ALA B 127 17.66 -7.19 -7.11
N SER B 128 18.10 -6.37 -6.20
CA SER B 128 18.52 -6.90 -4.88
C SER B 128 17.42 -7.52 -4.08
N LEU B 129 16.24 -6.89 -4.03
CA LEU B 129 15.25 -7.27 -2.99
C LEU B 129 14.08 -8.13 -3.47
N LEU B 130 13.76 -8.02 -4.74
CA LEU B 130 12.55 -8.73 -5.27
C LEU B 130 12.89 -10.13 -5.62
N GLN B 131 13.17 -10.94 -4.60
CA GLN B 131 13.61 -12.30 -4.76
C GLN B 131 12.71 -13.19 -3.98
N ALA B 132 12.36 -14.33 -4.57
CA ALA B 132 11.50 -15.31 -3.92
C ALA B 132 12.02 -15.60 -2.53
N GLY B 133 11.13 -15.62 -1.55
CA GLY B 133 11.55 -15.86 -0.20
C GLY B 133 11.86 -14.62 0.63
N TYR B 134 12.26 -13.53 -0.01
CA TYR B 134 12.50 -12.27 0.68
C TYR B 134 11.12 -11.73 1.10
N LYS B 135 11.05 -11.25 2.34
CA LYS B 135 9.78 -10.77 2.90
C LYS B 135 9.61 -9.29 2.78
N GLY B 136 8.42 -8.87 2.47
CA GLY B 136 7.97 -7.52 2.60
C GLY B 136 6.82 -7.41 3.55
N ARG B 137 6.35 -6.17 3.72
CA ARG B 137 5.36 -5.82 4.69
C ARG B 137 4.20 -5.10 4.04
N VAL B 138 2.98 -5.48 4.46
CA VAL B 138 1.69 -4.99 3.87
C VAL B 138 0.90 -4.43 5.05
N THR B 139 0.37 -3.22 4.88
CA THR B 139 -0.36 -2.49 5.88
C THR B 139 -1.70 -1.99 5.29
N GLY B 140 -2.72 -1.97 6.14
CA GLY B 140 -4.00 -1.40 5.78
C GLY B 140 -5.09 -1.53 6.82
N TRP B 141 -6.17 -0.84 6.55
CA TRP B 141 -7.36 -0.87 7.38
C TRP B 141 -8.49 -1.71 6.83
N GLY B 142 -8.17 -2.62 5.92
CA GLY B 142 -9.17 -3.49 5.28
C GLY B 142 -9.62 -4.57 6.22
N ASN B 143 -10.50 -5.41 5.70
CA ASN B 143 -11.20 -6.42 6.50
C ASN B 143 -10.21 -7.45 7.08
N LEU B 144 -10.56 -7.90 8.29
CA LEU B 144 -9.80 -8.91 9.05
C LEU B 144 -10.03 -10.35 8.56
N LYS B 145 -11.07 -10.59 7.76
CA LYS B 145 -11.26 -11.90 7.17
C LYS B 145 -12.14 -11.73 5.94
N GLU B 146 -12.15 -12.76 5.12
CA GLU B 146 -12.87 -12.75 3.87
C GLU B 146 -14.41 -12.60 4.01
N THR B 147 -15.03 -13.24 5.01
CA THR B 147 -16.52 -13.14 5.15
C THR B 147 -16.98 -13.44 6.55
N GLY B 155 -14.67 -8.15 12.23
CA GLY B 155 -14.72 -7.90 10.80
C GLY B 155 -13.73 -6.84 10.32
N GLN B 156 -13.76 -5.67 10.97
CA GLN B 156 -12.91 -4.51 10.60
C GLN B 156 -12.08 -4.11 11.78
N PRO B 157 -10.83 -3.66 11.54
CA PRO B 157 -9.92 -3.40 12.68
C PRO B 157 -10.21 -2.07 13.33
N SER B 158 -9.87 -1.90 14.61
CA SER B 158 -9.85 -0.58 15.24
C SER B 158 -8.65 0.26 14.80
N VAL B 159 -7.47 -0.36 14.67
CA VAL B 159 -6.29 0.37 14.21
C VAL B 159 -5.61 -0.28 13.01
N LEU B 160 -4.71 0.46 12.41
CA LEU B 160 -3.93 0.02 11.24
C LEU B 160 -3.27 -1.37 11.48
N GLN B 161 -3.39 -2.27 10.49
CA GLN B 161 -2.90 -3.64 10.62
C GLN B 161 -1.68 -3.86 9.73
N VAL B 162 -0.80 -4.73 10.19
CA VAL B 162 0.47 -5.03 9.50
C VAL B 162 0.60 -6.53 9.42
N VAL B 163 1.18 -6.98 8.31
CA VAL B 163 1.56 -8.36 8.14
C VAL B 163 2.82 -8.44 7.31
N ASN B 164 3.74 -9.34 7.64
CA ASN B 164 4.94 -9.53 6.78
C ASN B 164 4.75 -10.80 5.97
N LEU B 165 5.08 -10.76 4.69
CA LEU B 165 4.83 -11.88 3.77
C LEU B 165 5.96 -12.08 2.79
N PRO B 166 6.28 -13.36 2.52
CA PRO B 166 7.33 -13.69 1.56
C PRO B 166 6.91 -13.55 0.14
N ILE B 167 7.83 -13.06 -0.69
CA ILE B 167 7.66 -13.04 -2.12
C ILE B 167 7.67 -14.48 -2.65
N VAL B 168 6.85 -14.77 -3.62
CA VAL B 168 6.68 -16.13 -4.10
C VAL B 168 7.25 -16.30 -5.50
N GLU B 169 7.80 -17.46 -5.74
CA GLU B 169 8.37 -17.85 -7.06
C GLU B 169 7.30 -17.67 -8.16
N ARG B 170 7.72 -17.12 -9.30
CA ARG B 170 6.81 -16.79 -10.37
C ARG B 170 5.98 -18.00 -10.92
N PRO B 171 6.60 -19.18 -11.07
CA PRO B 171 5.76 -20.28 -11.52
C PRO B 171 4.67 -20.66 -10.52
N VAL B 172 4.97 -20.58 -9.23
CA VAL B 172 4.00 -20.89 -8.21
C VAL B 172 2.81 -19.88 -8.26
N CYS B 173 3.13 -18.59 -8.38
CA CYS B 173 2.12 -17.51 -8.58
C CYS B 173 1.17 -17.88 -9.72
N LYS B 174 1.73 -18.14 -10.88
CA LYS B 174 0.95 -18.44 -12.06
C LYS B 174 0.09 -19.70 -11.91
N ASP B 175 0.63 -20.70 -11.23
CA ASP B 175 -0.07 -21.99 -11.03
C ASP B 175 -1.23 -21.95 -9.98
N SER B 176 -1.30 -20.81 -9.28
CA SER B 176 -2.29 -20.59 -8.22
C SER B 176 -3.60 -19.93 -8.72
N THR B 177 -3.63 -19.56 -10.01
CA THR B 177 -4.71 -18.73 -10.54
C THR B 177 -4.95 -19.08 -12.01
N ARG B 178 -6.17 -18.76 -12.44
CA ARG B 178 -6.55 -18.84 -13.87
C ARG B 178 -6.22 -17.54 -14.62
N ILE B 179 -5.96 -16.47 -13.86
CA ILE B 179 -5.74 -15.14 -14.43
C ILE B 179 -4.34 -15.12 -14.97
N ARG B 180 -4.14 -14.42 -16.10
CA ARG B 180 -2.80 -14.24 -16.71
C ARG B 180 -1.97 -13.22 -15.91
N ILE B 181 -0.87 -13.69 -15.34
CA ILE B 181 0.01 -12.85 -14.50
C ILE B 181 1.13 -12.25 -15.36
N THR B 182 1.29 -10.94 -15.33
CA THR B 182 2.29 -10.28 -16.17
C THR B 182 3.54 -9.93 -15.37
N ASP B 183 4.56 -9.47 -16.11
CA ASP B 183 5.84 -9.10 -15.55
C ASP B 183 5.74 -7.85 -14.72
N ASN B 184 4.61 -7.12 -14.85
CA ASN B 184 4.31 -5.97 -14.02
C ASN B 184 3.68 -6.33 -12.66
N MET B 185 3.59 -7.60 -12.32
CA MET B 185 2.93 -8.07 -11.08
C MET B 185 3.87 -9.07 -10.43
N PHE B 186 3.80 -9.13 -9.10
CA PHE B 186 4.42 -10.17 -8.33
C PHE B 186 3.46 -10.67 -7.34
N CYS B 187 3.71 -11.86 -6.78
CA CYS B 187 2.79 -12.35 -5.76
C CYS B 187 3.52 -12.63 -4.46
N ALA B 188 2.77 -12.62 -3.37
CA ALA B 188 3.39 -12.90 -2.06
C ALA B 188 2.39 -13.55 -1.17
N GLY B 189 2.90 -14.27 -0.19
CA GLY B 189 2.08 -14.99 0.83
C GLY B 189 2.76 -16.30 1.15
N TYR B 190 2.35 -16.90 2.24
CA TYR B 190 2.88 -18.19 2.65
C TYR B 190 2.14 -19.31 1.90
N LYS B 191 2.83 -20.42 1.73
CA LYS B 191 2.25 -21.63 1.11
C LYS B 191 1.50 -22.36 2.20
N PRO B 192 0.62 -23.30 1.83
CA PRO B 192 -0.20 -24.02 2.83
C PRO B 192 0.60 -24.78 3.95
N ASP B 193 1.77 -25.26 3.63
CA ASP B 193 2.52 -26.06 4.62
C ASP B 193 3.11 -25.24 5.81
N GLU B 194 3.33 -23.94 5.56
CA GLU B 194 4.43 -23.17 6.17
C GLU B 194 4.19 -22.90 7.66
N GLY B 195 2.95 -22.98 8.13
CA GLY B 195 2.69 -22.76 9.57
C GLY B 195 2.53 -21.29 9.99
N LYS B 196 2.56 -20.39 8.99
CA LYS B 196 2.21 -18.98 9.15
C LYS B 196 1.26 -18.58 7.97
N ARG B 197 0.51 -17.50 8.15
CA ARG B 197 -0.49 -17.13 7.19
C ARG B 197 -0.51 -15.63 7.09
N GLY B 198 -1.50 -15.13 6.38
CA GLY B 198 -1.71 -13.69 6.32
C GLY B 198 -1.90 -13.22 4.89
N ASP B 199 -2.61 -12.10 4.74
CA ASP B 199 -2.96 -11.59 3.43
C ASP B 199 -3.60 -10.22 3.60
N ALA B 200 -3.70 -9.52 2.48
CA ALA B 200 -4.56 -8.38 2.38
C ALA B 200 -6.00 -8.76 2.27
N CYS B 201 -6.91 -7.79 2.51
CA CYS B 201 -8.33 -8.07 2.29
C CYS B 201 -9.11 -6.77 2.05
N GLU B 202 -10.33 -6.94 1.54
CA GLU B 202 -11.17 -5.77 1.15
C GLU B 202 -10.92 -4.51 1.93
N GLY B 203 -10.53 -3.46 1.22
CA GLY B 203 -10.17 -2.16 1.75
C GLY B 203 -8.64 -1.87 1.81
N ASP B 204 -7.78 -2.93 1.68
CA ASP B 204 -6.32 -2.82 1.64
C ASP B 204 -5.74 -2.48 0.30
N SER B 205 -6.51 -2.66 -0.78
CA SER B 205 -5.98 -2.35 -2.14
C SER B 205 -5.45 -0.93 -2.24
N GLY B 206 -4.33 -0.80 -2.97
CA GLY B 206 -3.74 0.54 -3.15
C GLY B 206 -2.74 0.86 -2.10
N GLY B 207 -2.72 0.10 -1.02
CA GLY B 207 -1.67 0.22 -0.01
C GLY B 207 -0.32 -0.33 -0.45
N PRO B 208 0.70 -0.08 0.40
CA PRO B 208 2.07 -0.42 0.04
C PRO B 208 2.52 -1.80 0.53
N PHE B 209 3.30 -2.46 -0.30
CA PHE B 209 4.20 -3.59 0.08
C PHE B 209 5.60 -3.04 0.12
N VAL B 210 6.18 -2.98 1.34
CA VAL B 210 7.45 -2.33 1.57
C VAL B 210 8.47 -3.33 2.03
N MET B 211 9.73 -3.03 1.72
CA MET B 211 10.86 -3.77 2.16
C MET B 211 11.92 -2.84 2.69
N LYS B 212 12.66 -3.31 3.66
CA LYS B 212 13.71 -2.44 4.26
C LYS B 212 15.08 -2.83 3.71
N SER B 213 15.72 -1.96 2.92
CA SER B 213 16.99 -2.31 2.36
C SER B 213 18.02 -2.54 3.47
N PRO B 214 18.66 -3.72 3.46
CA PRO B 214 19.74 -3.92 4.42
C PRO B 214 21.05 -3.18 4.01
N PHE B 215 21.08 -2.52 2.84
CA PHE B 215 22.31 -1.83 2.35
C PHE B 215 22.33 -0.38 2.88
N ASN B 216 21.17 0.26 2.81
CA ASN B 216 21.05 1.67 3.26
C ASN B 216 20.04 1.92 4.37
N ASN B 217 19.40 0.85 4.85
CA ASN B 217 18.46 0.94 5.95
C ASN B 217 17.25 1.85 5.77
N ARG B 218 16.88 2.06 4.51
CA ARG B 218 15.66 2.77 4.13
C ARG B 218 14.53 1.85 3.66
N TRP B 219 13.28 2.28 3.87
CA TRP B 219 12.16 1.54 3.40
C TRP B 219 11.80 1.92 1.95
N TYR B 220 11.58 0.91 1.11
CA TYR B 220 11.25 1.08 -0.30
C TYR B 220 9.92 0.46 -0.55
N GLN B 221 9.03 1.17 -1.27
CA GLN B 221 7.81 0.56 -1.73
C GLN B 221 8.02 -0.24 -3.00
N MET B 222 7.99 -1.55 -2.83
CA MET B 222 8.25 -2.44 -3.95
C MET B 222 6.94 -2.82 -4.68
N GLY B 223 5.83 -2.84 -3.92
CA GLY B 223 4.55 -3.26 -4.47
C GLY B 223 3.41 -2.37 -4.08
N ILE B 224 2.33 -2.46 -4.85
CA ILE B 224 1.05 -1.94 -4.48
C ILE B 224 0.05 -3.07 -4.31
N VAL B 225 -0.73 -3.07 -3.21
CA VAL B 225 -1.74 -4.13 -3.01
C VAL B 225 -2.73 -4.07 -4.19
N SER B 226 -2.85 -5.13 -4.97
CA SER B 226 -3.73 -5.14 -6.13
C SER B 226 -4.92 -6.08 -5.89
N TRP B 227 -4.74 -7.41 -5.97
CA TRP B 227 -5.85 -8.33 -5.86
C TRP B 227 -5.46 -9.72 -5.40
N GLY B 228 -6.46 -10.40 -4.87
CA GLY B 228 -6.32 -11.87 -4.54
C GLY B 228 -7.66 -12.55 -4.73
N GLU B 229 -7.64 -13.88 -4.90
CA GLU B 229 -8.86 -14.59 -5.04
C GLU B 229 -9.32 -14.91 -3.64
N GLY B 230 -10.22 -14.08 -3.13
CA GLY B 230 -10.63 -14.15 -1.76
C GLY B 230 -9.56 -13.49 -0.89
N CYS B 231 -9.50 -13.86 0.39
CA CYS B 231 -8.40 -13.37 1.27
C CYS B 231 -7.89 -14.50 2.16
N ASP B 232 -6.56 -14.67 2.15
CA ASP B 232 -5.90 -15.65 3.01
C ASP B 232 -6.35 -17.07 2.77
N ARG B 233 -6.68 -17.41 1.55
CA ARG B 233 -7.01 -18.84 1.25
C ARG B 233 -5.77 -19.69 1.06
N ASP B 234 -5.81 -20.93 1.54
CA ASP B 234 -4.70 -21.84 1.33
C ASP B 234 -4.50 -22.02 -0.16
N GLY B 235 -3.27 -21.89 -0.62
CA GLY B 235 -2.96 -22.15 -2.05
C GLY B 235 -3.24 -20.96 -2.96
N LYS B 236 -3.70 -19.85 -2.38
CA LYS B 236 -3.80 -18.59 -3.15
C LYS B 236 -2.78 -17.60 -2.59
N TYR B 237 -2.47 -16.57 -3.36
CA TYR B 237 -1.48 -15.55 -2.99
C TYR B 237 -2.06 -14.21 -3.39
N GLY B 238 -1.49 -13.17 -2.85
CA GLY B 238 -1.82 -11.78 -3.21
C GLY B 238 -0.99 -11.38 -4.38
N PHE B 239 -1.57 -10.58 -5.27
CA PHE B 239 -0.89 -10.04 -6.42
C PHE B 239 -0.71 -8.55 -6.24
N TYR B 240 0.49 -8.08 -6.54
CA TYR B 240 0.92 -6.73 -6.23
C TYR B 240 1.47 -6.11 -7.51
N THR B 241 1.15 -4.85 -7.71
CA THR B 241 1.79 -4.09 -8.77
C THR B 241 3.30 -3.91 -8.53
N HIS B 242 4.13 -4.25 -9.51
CA HIS B 242 5.61 -4.13 -9.44
C HIS B 242 5.97 -2.65 -9.72
N VAL B 243 6.22 -1.92 -8.63
CA VAL B 243 6.45 -0.49 -8.69
C VAL B 243 7.63 -0.11 -9.55
N PHE B 244 8.75 -0.81 -9.40
CA PHE B 244 9.90 -0.51 -10.23
C PHE B 244 9.56 -0.64 -11.74
N ARG B 245 8.81 -1.63 -12.10
CA ARG B 245 8.53 -1.81 -13.55
C ARG B 245 7.67 -0.65 -14.09
N LEU B 246 6.90 0.03 -13.24
CA LEU B 246 6.08 1.17 -13.67
C LEU B 246 6.70 2.53 -13.32
N LYS B 247 7.97 2.57 -12.95
CA LYS B 247 8.57 3.82 -12.46
C LYS B 247 8.83 4.86 -13.55
N LYS B 248 9.11 4.40 -14.77
CA LYS B 248 9.16 5.30 -15.93
C LYS B 248 7.89 6.15 -16.07
N TRP B 249 6.75 5.50 -15.96
CA TRP B 249 5.49 6.22 -15.96
C TRP B 249 5.35 7.18 -14.73
N ILE B 250 5.65 6.67 -13.55
CA ILE B 250 5.57 7.52 -12.36
C ILE B 250 6.43 8.83 -12.54
N GLN B 251 7.67 8.65 -12.96
CA GLN B 251 8.62 9.77 -13.15
C GLN B 251 8.11 10.74 -14.23
N LYS B 252 7.52 10.17 -15.28
CA LYS B 252 6.93 10.94 -16.34
C LYS B 252 5.76 11.82 -15.89
N VAL B 253 4.84 11.25 -15.11
CA VAL B 253 3.75 12.05 -14.56
C VAL B 253 4.26 13.16 -13.63
N ILE B 254 5.17 12.81 -12.72
CA ILE B 254 5.70 13.77 -11.78
C ILE B 254 6.53 14.86 -12.45
N ASP B 255 7.41 14.48 -13.36
CA ASP B 255 8.21 15.49 -14.12
C ASP B 255 7.31 16.38 -14.99
N GLN B 256 6.30 15.84 -15.67
CA GLN B 256 5.35 16.65 -16.45
C GLN B 256 4.48 17.60 -15.62
N PHE B 257 3.90 17.11 -14.52
CA PHE B 257 2.87 17.82 -13.77
C PHE B 257 3.27 18.33 -12.37
N GLY C 1 -23.09 6.34 10.53
CA GLY C 1 -21.78 5.84 10.04
C GLY C 1 -20.80 5.56 11.17
N ASP C 2 -19.89 4.63 10.90
CA ASP C 2 -18.93 4.16 11.89
C ASP C 2 -17.80 5.16 12.03
N PHE C 3 -17.66 6.02 11.03
CA PHE C 3 -16.60 6.98 11.02
C PHE C 3 -16.90 8.25 11.75
N GLU C 4 -15.95 8.69 12.58
CA GLU C 4 -16.08 9.94 13.27
C GLU C 4 -16.10 11.08 12.29
N GLU C 5 -16.93 12.09 12.58
CA GLU C 5 -17.05 13.26 11.71
C GLU C 5 -15.74 14.07 11.65
N ILE C 6 -15.47 14.59 10.46
CA ILE C 6 -14.24 15.24 10.07
C ILE C 6 -14.54 16.74 10.20
N PRO C 7 -13.55 17.58 10.49
CA PRO C 7 -13.91 19.01 10.45
C PRO C 7 -14.53 19.47 9.09
N GLU C 8 -15.46 20.43 9.16
CA GLU C 8 -16.22 20.93 8.00
C GLU C 8 -15.34 21.62 6.95
N GLU C 9 -14.24 22.25 7.37
CA GLU C 9 -13.24 22.80 6.43
C GLU C 9 -12.76 21.80 5.35
N LEU C 11 -14.45 19.44 3.96
CA LEU C 11 -15.57 19.06 3.08
C LEU C 11 -16.02 20.24 2.23
#